data_3V96
#
_entry.id   3V96
#
_cell.length_a   231.720
_cell.length_b   37.682
_cell.length_c   39.523
_cell.angle_alpha   90.00
_cell.angle_beta   90.00
_cell.angle_gamma   90.00
#
_symmetry.space_group_name_H-M   'P 21 21 2'
#
loop_
_entity.id
_entity.type
_entity.pdbx_description
1 polymer 'Metalloproteinase inhibitor 1'
2 polymer Stromelysin-2
3 non-polymer 'PHOSPHATE ION'
4 non-polymer 'ZINC ION'
5 non-polymer 'CALCIUM ION'
6 water water
#
loop_
_entity_poly.entity_id
_entity_poly.type
_entity_poly.pdbx_seq_one_letter_code
_entity_poly.pdbx_strand_id
1 'polypeptide(L)'
;CTCVPPHPQTAFCNSDLVIRAKFVGTPEVAQTTLYQRYEIKMTKMYKGFQALGDAADIRFVYTPAMESVCGYFHRSHNRS
EEFLIAGKLQDGLLHITTCSFVAPWNSLSLAQRRGFTKTYTVGCEECTVFPCLSIPCKLQSGTHCLWTDQLLQGSEKGFQ
SRHLACLPREPGLCTWQSLRSQIA
;
A
2 'polypeptide(L)'
;FSSFPGMPKWRKTHLTYRIVNYTPDLPRDAVDSAIEKALKVWEEVTPLTFSRLYEGEADIMISFAVKEHGDFYSFDGPGH
SLAHAYPPGPGLYGDIHFDDDEKWTEDASGTNLFLVAAHELGHSLGLFHSANTEALMYPLYNSFTELAQFRLSQDDVNGI
QSLYG
;
B
#
loop_
_chem_comp.id
_chem_comp.type
_chem_comp.name
_chem_comp.formula
CA non-polymer 'CALCIUM ION' 'Ca 2'
PO4 non-polymer 'PHOSPHATE ION' 'O4 P -3'
ZN non-polymer 'ZINC ION' 'Zn 2'
#
# COMPACT_ATOMS: atom_id res chain seq x y z
N CYS A 1 6.39 0.60 0.46
CA CYS A 1 5.18 0.30 1.34
C CYS A 1 4.13 -0.26 0.40
N THR A 2 3.49 -1.33 0.79
CA THR A 2 2.50 -1.99 -0.11
C THR A 2 1.17 -2.01 0.65
N CYS A 3 0.05 -1.59 0.03
CA CYS A 3 -1.24 -1.50 0.72
C CYS A 3 -2.32 -2.34 0.02
N VAL A 4 -3.28 -2.88 0.78
CA VAL A 4 -4.60 -3.24 0.28
C VAL A 4 -5.24 -1.90 0.03
N PRO A 5 -5.83 -1.66 -1.16
CA PRO A 5 -6.61 -0.44 -1.41
C PRO A 5 -7.93 -0.45 -0.58
N PRO A 6 -8.40 0.70 -0.09
CA PRO A 6 -9.72 0.74 0.50
C PRO A 6 -10.72 1.17 -0.61
N HIS A 7 -11.86 0.56 -0.59
CA HIS A 7 -13.01 1.02 -1.39
C HIS A 7 -13.45 2.28 -0.58
N PRO A 8 -14.03 3.30 -1.25
CA PRO A 8 -14.55 4.51 -0.57
C PRO A 8 -15.51 4.23 0.61
N GLN A 9 -16.35 3.20 0.48
CA GLN A 9 -17.28 2.77 1.58
C GLN A 9 -16.48 2.29 2.83
N THR A 10 -15.53 1.40 2.59
CA THR A 10 -14.54 0.98 3.58
C THR A 10 -13.79 2.09 4.30
N ALA A 11 -13.22 3.00 3.48
CA ALA A 11 -12.54 4.16 3.97
C ALA A 11 -13.46 5.01 4.89
N PHE A 12 -14.65 5.33 4.39
CA PHE A 12 -15.67 6.07 5.18
C PHE A 12 -15.93 5.41 6.54
N CYS A 13 -16.31 4.12 6.48
CA CYS A 13 -16.74 3.31 7.65
C CYS A 13 -15.66 3.04 8.71
N ASN A 14 -14.39 2.94 8.29
CA ASN A 14 -13.22 2.64 9.14
C ASN A 14 -12.52 3.88 9.62
N SER A 15 -12.73 5.03 8.98
CA SER A 15 -12.00 6.26 9.37
C SER A 15 -12.73 6.95 10.49
N ASP A 16 -11.94 7.72 11.25
CA ASP A 16 -12.48 8.57 12.32
C ASP A 16 -12.93 9.92 11.81
N LEU A 17 -12.27 10.43 10.78
CA LEU A 17 -12.60 11.70 10.17
C LEU A 17 -12.60 11.54 8.70
N VAL A 18 -13.65 12.07 8.07
CA VAL A 18 -13.79 12.12 6.61
C VAL A 18 -14.10 13.61 6.40
N ILE A 19 -13.18 14.29 5.73
CA ILE A 19 -13.31 15.72 5.51
C ILE A 19 -12.90 16.02 4.07
N ARG A 20 -13.37 17.16 3.56
CA ARG A 20 -12.82 17.87 2.41
C ARG A 20 -11.93 18.97 2.95
N ALA A 21 -10.75 19.08 2.38
CA ALA A 21 -9.81 20.06 2.81
C ALA A 21 -8.93 20.57 1.68
N LYS A 22 -8.45 21.79 1.79
CA LYS A 22 -7.37 22.26 0.91
C LYS A 22 -6.07 22.05 1.64
N PHE A 23 -5.01 21.81 0.86
CA PHE A 23 -3.65 21.68 1.42
C PHE A 23 -3.03 23.07 1.31
N VAL A 24 -2.36 23.52 2.36
CA VAL A 24 -1.60 24.76 2.36
C VAL A 24 -0.21 24.45 2.91
N GLN A 31 13.24 16.30 7.45
CA GLN A 31 14.64 16.05 7.81
C GLN A 31 14.76 14.74 8.62
N THR A 32 15.56 14.71 9.69
CA THR A 32 15.73 13.47 10.47
C THR A 32 14.45 13.05 11.23
N THR A 33 13.30 13.32 10.63
CA THR A 33 12.04 13.37 11.36
C THR A 33 11.07 12.27 10.92
N LEU A 34 10.53 11.55 11.91
CA LEU A 34 9.74 10.35 11.70
C LEU A 34 8.45 10.59 10.88
N TYR A 35 7.73 11.67 11.21
CA TYR A 35 6.49 12.01 10.53
C TYR A 35 6.59 13.36 9.88
N GLN A 36 5.87 13.46 8.79
CA GLN A 36 5.65 14.74 8.19
C GLN A 36 4.25 15.18 8.46
N ARG A 37 4.00 16.49 8.37
CA ARG A 37 2.64 17.02 8.51
C ARG A 37 2.41 18.01 7.40
N TYR A 38 1.17 18.04 6.90
CA TYR A 38 0.71 19.08 6.02
C TYR A 38 -0.30 19.88 6.78
N GLU A 39 -0.26 21.21 6.56
CA GLU A 39 -1.26 22.16 6.98
C GLU A 39 -2.41 22.10 6.00
N ILE A 40 -3.62 21.88 6.51
CA ILE A 40 -4.85 21.85 5.71
C ILE A 40 -5.90 22.85 6.18
N LYS A 41 -6.81 23.19 5.26
CA LYS A 41 -8.01 23.96 5.58
C LYS A 41 -9.24 23.15 5.22
N MET A 42 -9.89 22.64 6.24
CA MET A 42 -11.12 21.87 6.12
C MET A 42 -12.26 22.73 5.53
N THR A 43 -12.93 22.22 4.51
CA THR A 43 -14.03 22.97 3.90
C THR A 43 -15.34 22.27 4.23
N LYS A 44 -15.25 21.03 4.73
CA LYS A 44 -16.45 20.22 5.01
C LYS A 44 -16.15 18.99 5.84
N MET A 45 -17.00 18.70 6.80
CA MET A 45 -16.84 17.44 7.48
C MET A 45 -17.97 16.52 7.16
N TYR A 46 -17.62 15.32 6.74
CA TYR A 46 -18.58 14.24 6.42
C TYR A 46 -18.67 13.16 7.52
N LYS A 47 -17.60 13.00 8.33
CA LYS A 47 -17.61 12.14 9.50
C LYS A 47 -16.65 12.65 10.57
N GLY A 48 -17.01 12.46 11.86
CA GLY A 48 -16.16 12.81 13.00
C GLY A 48 -16.63 13.95 13.93
N PHE A 49 -17.91 14.30 13.89
CA PHE A 49 -18.41 15.48 14.59
C PHE A 49 -18.27 15.50 16.13
N ILE A 58 -9.57 21.04 12.96
CA ILE A 58 -8.73 20.15 12.16
C ILE A 58 -7.97 20.98 11.17
N ARG A 59 -6.64 20.96 11.32
CA ARG A 59 -5.75 21.88 10.56
C ARG A 59 -4.46 21.23 10.08
N PHE A 60 -4.13 20.06 10.62
CA PHE A 60 -2.98 19.27 10.12
C PHE A 60 -3.32 17.83 9.97
N VAL A 61 -2.60 17.13 9.08
CA VAL A 61 -2.73 15.67 8.86
C VAL A 61 -1.29 15.11 8.82
N TYR A 62 -1.06 14.02 9.55
CA TYR A 62 0.27 13.50 9.77
C TYR A 62 0.46 12.20 9.05
N THR A 63 1.68 11.97 8.63
CA THR A 63 1.96 10.84 7.81
C THR A 63 3.46 10.60 7.93
N PRO A 64 3.84 9.30 7.87
CA PRO A 64 5.22 8.92 7.85
C PRO A 64 5.96 9.71 6.75
N ALA A 65 7.14 10.15 7.14
CA ALA A 65 8.00 11.07 6.44
C ALA A 65 8.55 10.63 5.11
N MET A 66 8.70 9.32 4.89
CA MET A 66 9.05 8.80 3.55
C MET A 66 7.93 7.92 2.95
N GLU A 67 7.83 7.92 1.62
CA GLU A 67 6.89 6.98 0.96
C GLU A 67 7.14 5.50 1.25
N SER A 68 8.40 5.12 1.30
CA SER A 68 8.79 3.78 1.65
C SER A 68 8.20 3.20 2.95
N VAL A 69 7.96 4.03 3.94
CA VAL A 69 7.33 3.54 5.16
C VAL A 69 5.85 4.09 5.21
N CYS A 70 5.21 4.23 4.03
CA CYS A 70 3.78 4.52 3.86
C CYS A 70 3.33 5.99 4.04
N GLY A 71 4.23 6.95 3.79
CA GLY A 71 3.98 8.39 3.95
C GLY A 71 3.30 8.82 2.65
N TYR A 72 2.10 9.41 2.77
CA TYR A 72 1.39 10.07 1.73
C TYR A 72 2.25 11.17 1.16
N PHE A 73 2.44 11.16 -0.15
CA PHE A 73 3.18 12.27 -0.78
C PHE A 73 2.16 13.04 -1.65
N HIS A 74 1.94 14.30 -1.31
CA HIS A 74 0.94 15.16 -1.96
C HIS A 74 1.43 15.68 -3.26
N ARG A 75 0.74 15.32 -4.34
CA ARG A 75 1.12 15.76 -5.70
C ARG A 75 -0.02 16.68 -6.14
N SER A 76 0.25 17.98 -6.11
CA SER A 76 -0.70 19.04 -6.50
C SER A 76 0.04 20.32 -6.22
N HIS A 77 0.14 21.18 -7.24
CA HIS A 77 0.80 22.46 -7.10
C HIS A 77 -0.29 23.57 -7.23
N ASN A 78 -1.49 23.22 -6.74
CA ASN A 78 -2.66 24.14 -6.68
C ASN A 78 -3.31 24.16 -5.29
N ARG A 79 -2.98 25.20 -4.52
CA ARG A 79 -3.48 25.40 -3.17
C ARG A 79 -5.01 25.50 -2.98
N SER A 80 -5.75 25.79 -4.05
CA SER A 80 -7.21 25.90 -3.97
C SER A 80 -7.91 24.56 -4.32
N GLU A 81 -7.11 23.52 -4.54
CA GLU A 81 -7.66 22.20 -4.83
C GLU A 81 -8.15 21.54 -3.54
N GLU A 82 -9.38 21.04 -3.61
CA GLU A 82 -9.97 20.34 -2.51
C GLU A 82 -9.76 18.87 -2.64
N PHE A 83 -9.56 18.25 -1.48
CA PHE A 83 -9.18 16.86 -1.37
C PHE A 83 -10.10 16.19 -0.38
N LEU A 84 -10.52 14.98 -0.69
CA LEU A 84 -11.18 14.15 0.28
C LEU A 84 -10.14 13.37 1.01
N ILE A 85 -10.19 13.42 2.33
CA ILE A 85 -9.20 12.75 3.19
C ILE A 85 -10.01 11.92 4.13
N ALA A 86 -9.67 10.63 4.19
CA ALA A 86 -10.28 9.76 5.19
C ALA A 86 -9.22 9.19 6.09
N GLY A 87 -9.27 9.59 7.34
CA GLY A 87 -8.09 9.39 8.25
C GLY A 87 -8.42 8.82 9.63
N LYS A 88 -7.36 8.52 10.41
CA LYS A 88 -7.47 7.93 11.75
C LYS A 88 -7.04 9.02 12.72
N LEU A 89 -7.81 9.19 13.78
CA LEU A 89 -7.45 10.11 14.80
C LEU A 89 -6.74 9.30 15.84
N GLN A 90 -5.57 9.79 16.29
CA GLN A 90 -4.76 9.14 17.34
C GLN A 90 -3.98 10.13 18.26
N ASP A 91 -4.31 10.17 19.56
CA ASP A 91 -3.69 11.07 20.53
C ASP A 91 -3.89 12.56 20.18
N GLY A 92 -5.01 12.87 19.55
CA GLY A 92 -5.34 14.24 19.20
C GLY A 92 -5.10 14.56 17.73
N LEU A 93 -4.34 13.72 17.02
CA LEU A 93 -3.84 14.02 15.64
C LEU A 93 -4.53 13.22 14.55
N LEU A 94 -4.81 13.83 13.39
CA LEU A 94 -5.30 13.11 12.19
C LEU A 94 -4.13 12.43 11.42
N HIS A 95 -4.17 11.09 11.29
CA HIS A 95 -3.14 10.36 10.53
C HIS A 95 -3.61 9.83 9.21
N ILE A 96 -2.78 9.94 8.17
CA ILE A 96 -3.05 9.23 6.89
C ILE A 96 -1.75 8.47 6.49
N THR A 97 -1.92 7.54 5.56
CA THR A 97 -0.76 6.80 5.00
C THR A 97 -1.07 6.55 3.55
N THR A 98 -0.12 5.94 2.86
CA THR A 98 -0.32 5.60 1.45
C THR A 98 -1.52 4.68 1.36
N CYS A 99 -1.97 4.03 2.46
CA CYS A 99 -3.07 3.05 2.33
C CYS A 99 -4.43 3.70 2.61
N SER A 100 -4.44 4.94 3.12
CA SER A 100 -5.69 5.70 3.20
C SER A 100 -6.36 6.09 1.86
N PHE A 101 -7.66 6.31 1.95
CA PHE A 101 -8.32 6.96 0.83
C PHE A 101 -8.15 8.48 0.89
N VAL A 102 -7.35 9.02 -0.05
CA VAL A 102 -7.12 10.46 -0.26
C VAL A 102 -7.20 10.73 -1.76
N ALA A 103 -8.06 11.65 -2.18
CA ALA A 103 -8.36 11.84 -3.61
C ALA A 103 -8.78 13.27 -3.76
N PRO A 104 -8.39 13.93 -4.87
CA PRO A 104 -9.07 15.18 -5.11
C PRO A 104 -10.61 15.07 -5.27
N TRP A 105 -11.32 15.97 -4.58
CA TRP A 105 -12.78 15.92 -4.56
C TRP A 105 -13.29 15.82 -5.98
N ASN A 106 -12.72 16.67 -6.83
CA ASN A 106 -13.11 16.76 -8.21
C ASN A 106 -12.79 15.51 -9.04
N SER A 107 -11.82 14.69 -8.64
CA SER A 107 -11.60 13.36 -9.26
C SER A 107 -12.69 12.33 -8.95
N LEU A 108 -13.49 12.55 -7.89
CA LEU A 108 -14.64 11.68 -7.53
C LEU A 108 -15.82 11.77 -8.52
N SER A 109 -16.57 10.71 -8.62
CA SER A 109 -17.73 10.73 -9.45
C SER A 109 -18.81 11.25 -8.56
N LEU A 110 -19.94 11.65 -9.16
CA LEU A 110 -21.05 12.23 -8.40
C LEU A 110 -21.57 11.25 -7.39
N ALA A 111 -21.52 9.97 -7.77
CA ALA A 111 -21.97 8.85 -6.97
C ALA A 111 -21.13 8.75 -5.74
N GLN A 112 -19.83 8.82 -5.95
CA GLN A 112 -18.89 8.72 -4.80
C GLN A 112 -19.10 9.88 -3.81
N ARG A 113 -19.31 11.08 -4.34
CA ARG A 113 -19.66 12.26 -3.50
C ARG A 113 -20.91 12.01 -2.65
N ARG A 114 -21.99 11.51 -3.28
CA ARG A 114 -23.15 11.10 -2.49
C ARG A 114 -22.82 10.02 -1.44
N GLY A 115 -21.83 9.19 -1.73
CA GLY A 115 -21.49 8.11 -0.82
C GLY A 115 -21.02 8.69 0.50
N PHE A 116 -20.07 9.60 0.43
CA PHE A 116 -19.42 10.27 1.59
C PHE A 116 -20.41 11.19 2.27
N THR A 117 -21.35 11.71 1.46
CA THR A 117 -22.35 12.64 1.97
C THR A 117 -23.44 11.89 2.72
N LYS A 118 -23.81 10.68 2.29
CA LYS A 118 -25.09 10.15 2.74
C LYS A 118 -25.20 8.63 2.72
N THR A 119 -24.81 8.03 1.60
CA THR A 119 -25.15 6.64 1.34
C THR A 119 -24.19 5.62 2.00
N TYR A 120 -22.89 5.95 2.14
CA TYR A 120 -21.91 4.92 2.64
C TYR A 120 -22.24 4.46 4.04
N THR A 121 -22.79 5.36 4.86
CA THR A 121 -23.15 5.09 6.26
C THR A 121 -24.19 3.97 6.44
N VAL A 122 -24.94 3.67 5.38
CA VAL A 122 -25.97 2.64 5.41
C VAL A 122 -25.32 1.26 5.43
N GLY A 123 -24.12 1.17 4.84
CA GLY A 123 -23.40 -0.10 4.79
C GLY A 123 -22.54 -0.42 5.99
N CYS A 124 -22.10 0.60 6.75
CA CYS A 124 -21.08 0.42 7.79
C CYS A 124 -21.35 -0.71 8.77
N GLU A 125 -22.45 -0.69 9.49
CA GLU A 125 -22.72 -1.76 10.44
C GLU A 125 -22.94 -3.16 9.80
N GLU A 126 -23.73 -3.23 8.75
CA GLU A 126 -24.21 -4.50 8.22
C GLU A 126 -23.26 -5.19 7.22
N CYS A 127 -22.50 -4.39 6.45
CA CYS A 127 -21.79 -4.92 5.28
C CYS A 127 -20.27 -4.73 5.27
N THR A 128 -19.58 -5.58 4.51
CA THR A 128 -18.14 -5.35 4.25
C THR A 128 -17.74 -5.52 2.77
N VAL A 129 -16.99 -4.52 2.27
CA VAL A 129 -16.36 -4.66 0.95
C VAL A 129 -15.09 -5.45 1.12
N PHE A 130 -14.98 -6.52 0.33
CA PHE A 130 -13.80 -7.37 0.35
C PHE A 130 -13.08 -7.31 -1.03
N PRO A 131 -11.85 -6.77 -1.04
CA PRO A 131 -11.01 -6.66 -2.22
C PRO A 131 -10.62 -8.06 -2.72
N CYS A 132 -10.78 -8.32 -4.01
CA CYS A 132 -10.34 -9.59 -4.60
C CYS A 132 -8.90 -9.46 -5.04
N LEU A 133 -8.00 -9.81 -4.12
CA LEU A 133 -6.56 -9.63 -4.33
C LEU A 133 -5.88 -11.00 -4.58
N SER A 134 -6.68 -12.06 -4.70
CA SER A 134 -6.13 -13.41 -4.71
C SER A 134 -6.85 -14.40 -5.67
N ILE A 135 -6.22 -15.58 -5.84
CA ILE A 135 -6.49 -16.62 -6.88
C ILE A 135 -7.92 -17.23 -7.02
N PRO A 136 -8.39 -18.09 -6.07
CA PRO A 136 -9.86 -18.18 -6.08
C PRO A 136 -10.54 -16.85 -5.69
N CYS A 137 -10.26 -16.30 -4.49
CA CYS A 137 -10.98 -15.09 -4.13
C CYS A 137 -12.37 -15.44 -3.62
N LYS A 138 -12.45 -15.84 -2.36
CA LYS A 138 -13.68 -16.49 -1.85
C LYS A 138 -14.45 -15.59 -0.91
N LEU A 139 -15.77 -15.62 -1.02
CA LEU A 139 -16.64 -14.82 -0.13
C LEU A 139 -16.89 -15.57 1.19
N GLN A 140 -16.58 -14.93 2.32
CA GLN A 140 -16.77 -15.57 3.65
C GLN A 140 -18.19 -15.47 4.18
N SER A 141 -18.92 -14.45 3.73
CA SER A 141 -20.27 -14.16 4.20
C SER A 141 -21.12 -13.62 3.05
N GLY A 142 -22.44 -13.82 3.14
CA GLY A 142 -23.36 -13.11 2.27
C GLY A 142 -23.40 -11.61 2.58
N THR A 143 -22.83 -11.20 3.70
CA THR A 143 -22.78 -9.77 4.04
C THR A 143 -21.55 -9.06 3.40
N HIS A 144 -20.81 -9.83 2.61
CA HIS A 144 -19.65 -9.30 1.88
C HIS A 144 -20.02 -9.01 0.41
N CYS A 145 -19.45 -7.97 -0.18
CA CYS A 145 -19.49 -7.81 -1.62
C CYS A 145 -18.03 -7.89 -2.12
N LEU A 146 -17.84 -8.58 -3.22
CA LEU A 146 -16.54 -8.86 -3.77
C LEU A 146 -16.21 -7.72 -4.72
N TRP A 147 -15.13 -6.99 -4.40
CA TRP A 147 -14.67 -5.88 -5.20
C TRP A 147 -13.58 -6.29 -6.19
N THR A 148 -13.96 -6.40 -7.48
CA THR A 148 -13.08 -6.92 -8.55
C THR A 148 -12.57 -5.87 -9.57
N ASP A 149 -12.52 -4.58 -9.20
CA ASP A 149 -12.01 -3.57 -10.11
C ASP A 149 -10.55 -3.80 -10.50
N GLN A 150 -9.72 -4.33 -9.60
CA GLN A 150 -8.28 -4.46 -9.92
C GLN A 150 -8.10 -5.67 -10.81
N LEU A 151 -8.80 -6.74 -10.44
CA LEU A 151 -8.87 -7.95 -11.21
C LEU A 151 -9.29 -7.62 -12.66
N LEU A 152 -10.44 -6.98 -12.82
CA LEU A 152 -11.01 -6.65 -14.13
C LEU A 152 -10.27 -5.60 -14.95
N GLN A 153 -10.07 -4.42 -14.36
CA GLN A 153 -9.55 -3.25 -15.09
C GLN A 153 -8.16 -2.75 -14.63
N GLY A 154 -7.51 -3.57 -13.80
CA GLY A 154 -6.12 -3.32 -13.41
C GLY A 154 -5.93 -2.11 -12.54
N SER A 155 -7.00 -1.69 -11.87
CA SER A 155 -6.95 -0.46 -11.10
C SER A 155 -8.04 -0.50 -10.06
N GLU A 156 -7.81 0.19 -8.96
CA GLU A 156 -8.83 0.27 -7.92
C GLU A 156 -9.87 1.38 -8.26
N LYS A 157 -9.57 2.24 -9.24
CA LYS A 157 -10.46 3.32 -9.65
C LYS A 157 -11.49 2.84 -10.72
N GLY A 158 -12.12 1.70 -10.47
CA GLY A 158 -13.03 1.14 -11.49
C GLY A 158 -14.49 1.37 -11.16
N PHE A 159 -15.40 0.73 -11.92
CA PHE A 159 -16.82 1.03 -11.76
C PHE A 159 -17.39 0.74 -10.39
N GLN A 160 -16.98 -0.37 -9.77
CA GLN A 160 -17.48 -0.70 -8.43
C GLN A 160 -17.05 0.37 -7.41
N SER A 161 -15.82 0.86 -7.54
CA SER A 161 -15.35 1.98 -6.73
C SER A 161 -16.20 3.22 -6.93
N ARG A 162 -16.55 3.48 -8.19
CA ARG A 162 -16.99 4.85 -8.54
C ARG A 162 -18.51 4.93 -8.66
N HIS A 163 -19.22 3.81 -8.53
CA HIS A 163 -20.66 3.83 -8.72
C HIS A 163 -21.50 2.88 -7.91
N LEU A 164 -20.90 2.19 -6.96
CA LEU A 164 -21.58 1.08 -6.28
C LEU A 164 -21.26 1.17 -4.79
N ALA A 165 -22.24 0.89 -3.93
CA ALA A 165 -22.01 0.77 -2.49
C ALA A 165 -22.43 -0.66 -2.11
N CYS A 166 -21.96 -1.16 -0.96
CA CYS A 166 -22.22 -2.54 -0.54
C CYS A 166 -23.25 -2.51 0.57
N LEU A 167 -24.52 -2.73 0.22
CA LEU A 167 -25.65 -2.39 1.11
C LEU A 167 -26.51 -3.61 1.52
N PRO A 168 -27.21 -3.53 2.69
CA PRO A 168 -28.18 -4.58 3.07
C PRO A 168 -29.22 -4.74 1.98
N ARG A 169 -29.45 -6.00 1.54
CA ARG A 169 -30.63 -6.41 0.75
C ARG A 169 -31.72 -7.03 1.65
N GLU A 170 -31.37 -8.13 2.31
CA GLU A 170 -32.21 -8.73 3.36
C GLU A 170 -31.25 -9.16 4.48
N PRO A 171 -31.74 -9.83 5.55
CA PRO A 171 -30.73 -10.14 6.55
C PRO A 171 -29.81 -11.31 6.12
N GLY A 172 -28.53 -11.22 6.52
CA GLY A 172 -27.51 -12.19 6.13
C GLY A 172 -26.95 -11.91 4.75
N LEU A 173 -27.59 -10.95 4.07
CA LEU A 173 -27.26 -10.62 2.67
C LEU A 173 -27.05 -9.11 2.38
N CYS A 174 -25.80 -8.73 2.19
CA CYS A 174 -25.47 -7.45 1.57
C CYS A 174 -25.23 -7.68 0.07
N THR A 175 -25.60 -6.73 -0.77
CA THR A 175 -25.22 -6.79 -2.19
C THR A 175 -24.78 -5.42 -2.69
N TRP A 176 -24.15 -5.40 -3.85
CA TRP A 176 -23.73 -4.19 -4.52
C TRP A 176 -24.96 -3.42 -5.03
N GLN A 177 -25.12 -2.13 -4.67
CA GLN A 177 -26.33 -1.38 -5.12
C GLN A 177 -25.81 -0.04 -5.61
N SER A 178 -26.55 0.70 -6.47
CA SER A 178 -26.01 2.00 -6.96
C SER A 178 -26.43 3.28 -6.25
N MET B 7 20.26 8.59 1.55
CA MET B 7 20.96 8.51 0.21
C MET B 7 20.02 8.19 -0.96
N PRO B 8 20.11 8.95 -2.07
CA PRO B 8 19.21 8.64 -3.22
C PRO B 8 19.50 7.30 -3.91
N LYS B 9 20.72 6.81 -3.72
CA LYS B 9 21.18 5.54 -4.30
C LYS B 9 22.37 4.95 -3.53
N TRP B 10 22.51 3.64 -3.62
CA TRP B 10 23.71 2.99 -3.20
C TRP B 10 24.91 3.53 -3.97
N ARG B 11 25.91 4.01 -3.23
CA ARG B 11 27.17 4.44 -3.86
C ARG B 11 28.07 3.25 -4.17
N LYS B 12 27.51 2.04 -4.21
CA LYS B 12 28.26 0.89 -4.71
C LYS B 12 27.36 -0.05 -5.48
N THR B 13 28.00 -0.95 -6.23
CA THR B 13 27.37 -1.78 -7.25
C THR B 13 27.11 -3.22 -6.70
N HIS B 14 27.94 -3.64 -5.74
CA HIS B 14 27.82 -4.99 -5.16
C HIS B 14 27.21 -4.99 -3.76
N LEU B 15 25.94 -5.37 -3.69
CA LEU B 15 25.19 -5.33 -2.43
C LEU B 15 25.02 -6.71 -1.81
N THR B 16 24.83 -6.71 -0.48
CA THR B 16 24.54 -7.89 0.30
C THR B 16 23.12 -7.80 0.86
N TYR B 17 22.49 -8.96 1.01
CA TYR B 17 21.21 -9.08 1.67
C TYR B 17 21.28 -10.31 2.58
N ARG B 18 20.39 -10.36 3.56
CA ARG B 18 20.22 -11.52 4.42
C ARG B 18 18.72 -11.63 4.81
N ILE B 19 18.25 -12.87 4.85
CA ILE B 19 16.89 -13.14 5.25
C ILE B 19 17.05 -13.52 6.71
N VAL B 20 16.67 -12.59 7.58
CA VAL B 20 16.98 -12.66 9.00
C VAL B 20 16.09 -13.63 9.73
N ASN B 21 14.81 -13.67 9.38
CA ASN B 21 13.92 -14.64 10.01
C ASN B 21 12.88 -15.09 8.98
N TYR B 22 12.02 -16.04 9.35
CA TYR B 22 11.14 -16.73 8.41
C TYR B 22 9.74 -16.72 8.93
N THR B 23 8.81 -16.37 8.06
CA THR B 23 7.41 -16.48 8.39
C THR B 23 7.00 -17.97 8.57
N PRO B 24 6.23 -18.28 9.62
CA PRO B 24 5.61 -19.62 9.69
C PRO B 24 4.61 -19.94 8.55
N ASP B 25 4.24 -18.95 7.73
CA ASP B 25 3.36 -19.19 6.58
C ASP B 25 3.96 -20.06 5.49
N LEU B 26 5.29 -20.13 5.47
CA LEU B 26 6.00 -20.66 4.33
C LEU B 26 7.22 -21.47 4.73
N PRO B 27 7.49 -22.57 3.99
CA PRO B 27 8.77 -23.27 4.26
C PRO B 27 9.97 -22.35 3.93
N ARG B 28 11.08 -22.51 4.63
CA ARG B 28 12.26 -21.65 4.37
C ARG B 28 12.67 -21.52 2.89
N ASP B 29 12.67 -22.63 2.15
CA ASP B 29 13.06 -22.59 0.73
C ASP B 29 12.18 -21.67 -0.10
N ALA B 30 10.93 -21.59 0.28
CA ALA B 30 9.88 -20.79 -0.38
C ALA B 30 10.10 -19.30 -0.17
N VAL B 31 10.37 -18.90 1.06
CA VAL B 31 10.83 -17.53 1.31
C VAL B 31 12.07 -17.23 0.45
N ASP B 32 13.00 -18.18 0.37
CA ASP B 32 14.32 -17.97 -0.29
C ASP B 32 14.20 -17.75 -1.77
N SER B 33 13.49 -18.64 -2.43
CA SER B 33 13.18 -18.49 -3.84
C SER B 33 12.43 -17.22 -4.18
N ALA B 34 11.38 -16.85 -3.41
CA ALA B 34 10.65 -15.58 -3.63
C ALA B 34 11.57 -14.38 -3.66
N ILE B 35 12.45 -14.31 -2.66
CA ILE B 35 13.32 -13.15 -2.48
C ILE B 35 14.39 -13.09 -3.59
N GLU B 36 14.98 -14.26 -3.87
CA GLU B 36 15.97 -14.44 -4.93
C GLU B 36 15.41 -13.96 -6.25
N LYS B 37 14.20 -14.41 -6.54
CA LYS B 37 13.47 -14.01 -7.73
C LYS B 37 13.25 -12.52 -7.78
N ALA B 38 12.95 -11.92 -6.61
CA ALA B 38 12.64 -10.50 -6.54
C ALA B 38 13.91 -9.67 -6.82
N LEU B 39 15.03 -10.15 -6.31
CA LEU B 39 16.33 -9.52 -6.52
C LEU B 39 16.73 -9.58 -7.98
N LYS B 40 16.44 -10.72 -8.61
CA LYS B 40 16.74 -11.03 -10.02
C LYS B 40 16.05 -10.04 -10.97
N VAL B 41 14.78 -9.76 -10.71
CA VAL B 41 14.06 -8.73 -11.43
C VAL B 41 14.87 -7.42 -11.55
N TRP B 42 15.51 -7.00 -10.46
CA TRP B 42 16.23 -5.74 -10.47
C TRP B 42 17.66 -5.90 -11.06
N GLU B 43 18.33 -6.97 -10.63
CA GLU B 43 19.66 -7.35 -11.14
C GLU B 43 19.70 -7.31 -12.64
N GLU B 44 18.65 -7.81 -13.29
CA GLU B 44 18.69 -7.96 -14.75
C GLU B 44 18.41 -6.71 -15.58
N VAL B 45 18.19 -5.58 -14.93
CA VAL B 45 18.16 -4.34 -15.67
C VAL B 45 19.13 -3.30 -15.09
N THR B 46 20.09 -3.74 -14.28
CA THR B 46 21.08 -2.84 -13.67
C THR B 46 22.46 -3.51 -13.61
N PRO B 47 23.51 -2.72 -13.34
CA PRO B 47 24.83 -3.31 -13.01
C PRO B 47 24.92 -3.91 -11.59
N LEU B 48 23.83 -3.89 -10.81
CA LEU B 48 23.91 -4.35 -9.42
C LEU B 48 23.97 -5.87 -9.28
N THR B 49 24.66 -6.30 -8.23
CA THR B 49 24.66 -7.70 -7.83
C THR B 49 24.29 -7.78 -6.37
N PHE B 50 23.76 -8.95 -5.98
CA PHE B 50 23.32 -9.20 -4.62
C PHE B 50 23.86 -10.53 -4.13
N SER B 51 24.55 -10.49 -3.00
CA SER B 51 25.09 -11.70 -2.39
C SER B 51 24.47 -11.90 -1.01
N ARG B 52 24.10 -13.15 -0.71
CA ARG B 52 23.40 -13.59 0.52
C ARG B 52 24.37 -13.77 1.69
N LEU B 53 24.13 -13.06 2.78
CA LEU B 53 24.85 -13.29 4.04
C LEU B 53 23.95 -14.03 5.04
N TYR B 54 24.57 -14.74 5.96
CA TYR B 54 23.78 -15.51 6.93
C TYR B 54 24.07 -15.06 8.35
N GLU B 55 24.98 -14.10 8.50
CA GLU B 55 25.37 -13.62 9.82
C GLU B 55 25.86 -12.18 9.68
N GLY B 56 25.78 -11.44 10.78
CA GLY B 56 26.23 -10.06 10.80
C GLY B 56 25.25 -9.14 10.08
N GLU B 57 25.75 -7.96 9.74
CA GLU B 57 24.93 -6.90 9.21
C GLU B 57 25.09 -6.80 7.71
N ALA B 58 24.10 -7.27 6.97
CA ALA B 58 24.06 -7.04 5.52
C ALA B 58 23.40 -5.67 5.14
N ASP B 59 23.68 -5.18 3.92
CA ASP B 59 23.04 -3.95 3.41
C ASP B 59 21.49 -4.00 3.54
N ILE B 60 20.89 -5.00 2.88
CA ILE B 60 19.46 -5.20 2.82
C ILE B 60 19.06 -6.35 3.79
N MET B 61 18.72 -5.97 5.03
CA MET B 61 18.22 -6.93 6.07
C MET B 61 16.73 -7.15 5.85
N ILE B 62 16.33 -8.41 5.67
CA ILE B 62 14.97 -8.69 5.26
C ILE B 62 14.38 -9.55 6.38
N SER B 63 13.20 -9.15 6.89
CA SER B 63 12.56 -9.86 8.01
C SER B 63 11.01 -9.84 7.96
N PHE B 64 10.40 -10.64 8.84
CA PHE B 64 8.95 -10.66 9.04
C PHE B 64 8.70 -10.20 10.44
N ALA B 65 7.66 -9.38 10.62
CA ALA B 65 7.34 -8.87 11.93
C ALA B 65 5.84 -8.62 11.99
N VAL B 66 5.33 -8.53 13.21
CA VAL B 66 3.95 -8.12 13.46
C VAL B 66 3.93 -6.88 14.34
N LYS B 67 2.92 -6.01 14.22
CA LYS B 67 2.79 -4.89 15.16
C LYS B 67 4.11 -4.11 15.40
N GLU B 68 4.39 -3.75 16.66
CA GLU B 68 5.70 -3.13 17.03
C GLU B 68 6.83 -4.16 16.87
N HIS B 69 7.86 -3.77 16.14
CA HIS B 69 8.91 -4.70 15.74
C HIS B 69 10.28 -4.05 15.64
N GLY B 70 10.56 -3.09 16.51
CA GLY B 70 11.88 -2.53 16.57
C GLY B 70 12.14 -1.22 15.88
N ASP B 71 11.46 -0.97 14.75
CA ASP B 71 11.53 0.33 14.07
C ASP B 71 10.41 1.26 14.56
N PHE B 72 10.27 2.46 13.98
CA PHE B 72 9.28 3.44 14.52
C PHE B 72 7.90 3.38 13.88
N TYR B 73 7.72 2.39 13.02
CA TYR B 73 6.47 2.25 12.27
C TYR B 73 5.80 0.89 12.49
N SER B 74 5.09 0.77 13.61
CA SER B 74 4.31 -0.44 13.91
C SER B 74 3.49 -0.87 12.72
N PHE B 75 3.50 -2.18 12.44
CA PHE B 75 2.55 -2.76 11.51
C PHE B 75 1.12 -2.72 12.17
N ASP B 76 0.10 -3.11 11.41
CA ASP B 76 -1.27 -2.73 11.70
C ASP B 76 -2.22 -3.92 11.54
N GLY B 77 -1.67 -5.13 11.63
CA GLY B 77 -2.50 -6.32 11.64
C GLY B 77 -2.86 -6.65 10.22
N PRO B 78 -3.76 -7.63 10.01
CA PRO B 78 -4.08 -8.10 8.66
C PRO B 78 -4.58 -6.95 7.75
N GLY B 79 -4.07 -6.90 6.52
CA GLY B 79 -4.46 -5.92 5.51
C GLY B 79 -3.80 -4.57 5.74
N HIS B 80 -4.47 -3.49 5.31
CA HIS B 80 -3.89 -2.13 5.38
C HIS B 80 -2.47 -2.20 4.78
N SER B 81 -1.41 -1.88 5.53
CA SER B 81 -0.04 -2.07 4.99
CA SER B 81 -0.03 -2.05 5.03
C SER B 81 0.44 -3.51 5.12
N LEU B 82 1.03 -4.01 4.05
CA LEU B 82 1.46 -5.42 3.96
C LEU B 82 2.96 -5.54 4.24
N ALA B 83 3.67 -4.42 4.07
CA ALA B 83 5.10 -4.42 4.12
C ALA B 83 5.54 -2.98 4.02
N HIS B 84 6.80 -2.71 4.44
CA HIS B 84 7.46 -1.41 4.17
C HIS B 84 8.98 -1.62 4.07
N ALA B 85 9.69 -0.58 3.68
CA ALA B 85 11.09 -0.69 3.39
C ALA B 85 11.76 0.68 3.64
N TYR B 86 13.09 0.70 3.57
CA TYR B 86 13.90 1.94 3.76
C TYR B 86 14.85 2.15 2.57
N PRO B 87 15.00 3.40 2.10
CA PRO B 87 15.87 3.71 0.99
C PRO B 87 17.35 3.45 1.30
N PRO B 88 18.26 3.67 0.35
CA PRO B 88 19.67 3.28 0.59
C PRO B 88 20.32 4.06 1.76
N GLY B 89 21.27 3.45 2.46
CA GLY B 89 21.91 4.08 3.61
C GLY B 89 22.39 3.00 4.59
N PRO B 90 22.99 3.41 5.72
CA PRO B 90 23.41 2.47 6.76
C PRO B 90 22.35 2.12 7.81
N GLY B 91 22.71 1.21 8.73
CA GLY B 91 21.80 0.63 9.71
C GLY B 91 20.45 0.18 9.11
N LEU B 92 19.37 0.78 9.60
CA LEU B 92 18.02 0.44 9.13
C LEU B 92 17.82 0.68 7.62
N TYR B 93 18.40 1.75 7.11
CA TYR B 93 18.28 2.15 5.70
C TYR B 93 18.62 0.97 4.80
N GLY B 94 17.80 0.74 3.77
CA GLY B 94 17.99 -0.45 2.93
C GLY B 94 17.08 -1.63 3.27
N ASP B 95 16.66 -1.74 4.51
CA ASP B 95 15.99 -2.96 5.02
C ASP B 95 14.52 -3.04 4.56
N ILE B 96 13.95 -4.25 4.65
CA ILE B 96 12.60 -4.61 4.22
C ILE B 96 11.93 -5.41 5.32
N HIS B 97 10.75 -4.95 5.75
CA HIS B 97 9.95 -5.67 6.75
C HIS B 97 8.61 -6.07 6.17
N PHE B 98 8.24 -7.33 6.32
CA PHE B 98 6.98 -7.81 5.81
C PHE B 98 6.05 -8.00 7.03
N ASP B 99 4.80 -7.59 6.89
CA ASP B 99 3.82 -7.79 7.95
C ASP B 99 3.42 -9.27 8.00
N ASP B 100 3.85 -9.96 9.05
CA ASP B 100 3.41 -11.32 9.22
C ASP B 100 1.94 -11.44 9.73
N ASP B 101 1.21 -10.34 9.89
CA ASP B 101 -0.23 -10.52 10.09
C ASP B 101 -0.92 -10.76 8.75
N GLU B 102 -0.19 -10.64 7.62
CA GLU B 102 -0.69 -11.13 6.32
C GLU B 102 -0.32 -12.59 6.19
N LYS B 103 -0.94 -13.31 5.25
CA LYS B 103 -0.59 -14.70 4.95
C LYS B 103 0.18 -14.80 3.63
N TRP B 104 1.48 -15.06 3.73
CA TRP B 104 2.38 -15.00 2.58
C TRP B 104 2.31 -16.27 1.78
N THR B 105 2.18 -16.13 0.47
CA THR B 105 2.05 -17.34 -0.32
C THR B 105 3.07 -17.40 -1.44
N GLU B 106 3.28 -18.61 -1.96
CA GLU B 106 4.17 -18.80 -3.09
C GLU B 106 3.45 -18.44 -4.40
N ASP B 107 2.15 -18.72 -4.42
CA ASP B 107 1.33 -18.38 -5.56
C ASP B 107 0.50 -17.16 -5.14
N ALA B 108 -0.62 -16.92 -5.79
CA ALA B 108 -1.47 -15.76 -5.45
C ALA B 108 -2.69 -16.13 -4.63
N SER B 109 -2.60 -17.17 -3.79
CA SER B 109 -3.74 -17.57 -2.97
C SER B 109 -3.89 -16.68 -1.75
N GLY B 110 -2.80 -16.02 -1.40
CA GLY B 110 -2.73 -15.18 -0.24
C GLY B 110 -2.03 -13.94 -0.73
N THR B 111 -1.18 -13.37 0.10
CA THR B 111 -0.39 -12.23 -0.35
C THR B 111 0.91 -12.75 -0.93
N ASN B 112 1.17 -12.47 -2.20
CA ASN B 112 2.30 -13.08 -2.90
C ASN B 112 3.60 -12.47 -2.38
N LEU B 113 4.45 -13.29 -1.77
CA LEU B 113 5.70 -12.75 -1.24
C LEU B 113 6.59 -12.12 -2.34
N PHE B 114 6.68 -12.78 -3.49
CA PHE B 114 7.62 -12.36 -4.51
C PHE B 114 7.29 -10.95 -5.00
N LEU B 115 6.01 -10.74 -5.34
CA LEU B 115 5.49 -9.45 -5.84
C LEU B 115 5.70 -8.33 -4.81
N VAL B 116 5.44 -8.62 -3.54
CA VAL B 116 5.63 -7.57 -2.50
C VAL B 116 7.14 -7.30 -2.22
N ALA B 117 7.95 -8.35 -2.05
CA ALA B 117 9.43 -8.19 -2.03
C ALA B 117 9.96 -7.35 -3.22
N ALA B 118 9.46 -7.62 -4.42
CA ALA B 118 10.01 -6.92 -5.59
C ALA B 118 9.74 -5.44 -5.54
N HIS B 119 8.53 -5.05 -5.09
CA HIS B 119 8.17 -3.63 -4.84
C HIS B 119 9.07 -3.03 -3.79
N GLU B 120 9.21 -3.75 -2.69
CA GLU B 120 9.87 -3.16 -1.52
C GLU B 120 11.38 -3.03 -1.81
N LEU B 121 11.92 -3.97 -2.57
CA LEU B 121 13.31 -3.91 -3.00
C LEU B 121 13.56 -2.68 -3.88
N GLY B 122 12.55 -2.25 -4.64
CA GLY B 122 12.59 -0.97 -5.38
C GLY B 122 12.94 0.20 -4.46
N HIS B 123 12.23 0.33 -3.34
CA HIS B 123 12.57 1.35 -2.30
C HIS B 123 13.98 1.14 -1.71
N SER B 124 14.33 -0.11 -1.43
CA SER B 124 15.71 -0.40 -0.93
C SER B 124 16.77 0.14 -1.85
N LEU B 125 16.50 0.14 -3.16
CA LEU B 125 17.44 0.67 -4.16
C LEU B 125 17.30 2.17 -4.43
N GLY B 126 16.21 2.78 -3.97
CA GLY B 126 16.03 4.25 -4.16
C GLY B 126 14.74 4.68 -4.88
N LEU B 127 13.90 3.74 -5.29
CA LEU B 127 12.69 4.12 -6.09
C LEU B 127 11.66 4.64 -5.10
N PHE B 128 10.86 5.58 -5.57
CA PHE B 128 9.69 6.09 -4.82
C PHE B 128 8.44 5.46 -5.43
N HIS B 129 7.26 5.79 -4.91
CA HIS B 129 6.04 5.29 -5.52
C HIS B 129 5.76 5.88 -6.87
N SER B 130 5.12 5.07 -7.71
CA SER B 130 4.70 5.50 -9.04
C SER B 130 3.18 5.77 -9.04
N ALA B 131 2.77 6.75 -9.82
CA ALA B 131 1.33 6.99 -10.05
C ALA B 131 0.71 6.05 -11.10
N ASN B 132 1.54 5.29 -11.83
CA ASN B 132 1.01 4.42 -12.94
C ASN B 132 0.50 3.08 -12.33
N THR B 133 -0.80 2.85 -12.40
CA THR B 133 -1.39 1.64 -11.87
C THR B 133 -0.72 0.39 -12.44
N GLU B 134 0.02 0.52 -13.54
CA GLU B 134 0.68 -0.68 -14.08
C GLU B 134 2.11 -0.92 -13.63
N ALA B 135 2.70 0.06 -12.93
CA ALA B 135 4.01 -0.10 -12.32
C ALA B 135 4.04 -0.94 -11.04
N LEU B 136 5.17 -1.64 -10.86
CA LEU B 136 5.47 -2.36 -9.67
C LEU B 136 5.52 -1.44 -8.46
N MET B 137 6.10 -0.28 -8.68
CA MET B 137 6.21 0.86 -7.72
C MET B 137 4.89 1.52 -7.41
N TYR B 138 3.78 1.05 -8.03
CA TYR B 138 2.44 1.47 -7.63
C TYR B 138 2.28 1.02 -6.20
N PRO B 139 1.76 1.90 -5.30
CA PRO B 139 1.72 1.44 -3.89
C PRO B 139 0.61 0.52 -3.51
N LEU B 140 -0.29 0.16 -4.42
CA LEU B 140 -1.35 -0.74 -4.06
C LEU B 140 -0.95 -2.11 -4.59
N TYR B 141 -1.33 -3.17 -3.87
CA TYR B 141 -0.93 -4.53 -4.15
C TYR B 141 -1.73 -4.82 -5.42
N ASN B 142 -0.98 -4.71 -6.53
CA ASN B 142 -1.48 -4.28 -7.87
C ASN B 142 -1.10 -5.23 -9.00
N SER B 143 -0.44 -6.35 -8.71
CA SER B 143 0.34 -7.06 -9.76
C SER B 143 -0.04 -8.53 -9.89
N PHE B 144 -0.85 -9.01 -8.94
CA PHE B 144 -1.08 -10.44 -8.71
C PHE B 144 -1.66 -11.15 -9.94
N THR B 145 -2.19 -10.37 -10.86
CA THR B 145 -2.82 -10.96 -12.03
C THR B 145 -1.80 -11.42 -13.10
N GLU B 146 -0.55 -10.98 -12.97
CA GLU B 146 0.49 -11.24 -14.00
C GLU B 146 1.68 -12.15 -13.59
N LEU B 147 1.52 -12.89 -12.50
CA LEU B 147 2.59 -13.67 -11.83
C LEU B 147 3.39 -14.67 -12.66
N ALA B 148 2.67 -15.49 -13.44
CA ALA B 148 3.24 -16.55 -14.31
C ALA B 148 4.30 -16.08 -15.32
N GLN B 149 4.21 -14.81 -15.74
CA GLN B 149 5.18 -14.22 -16.69
C GLN B 149 5.49 -12.80 -16.25
N PHE B 150 5.88 -12.66 -15.00
CA PHE B 150 6.14 -11.35 -14.50
C PHE B 150 7.21 -10.54 -15.28
N ARG B 151 6.86 -9.30 -15.60
CA ARG B 151 7.82 -8.36 -16.18
C ARG B 151 7.68 -6.94 -15.63
N LEU B 152 8.80 -6.36 -15.20
CA LEU B 152 8.90 -4.94 -14.89
C LEU B 152 8.28 -4.03 -15.94
N SER B 153 7.42 -3.12 -15.49
CA SER B 153 6.99 -1.96 -16.26
C SER B 153 8.17 -1.19 -16.89
N GLN B 154 7.96 -0.64 -18.09
CA GLN B 154 8.93 0.33 -18.60
C GLN B 154 9.10 1.51 -17.63
N ASP B 155 8.04 1.90 -16.91
CA ASP B 155 8.12 2.96 -15.93
CA ASP B 155 8.09 2.97 -15.91
C ASP B 155 9.11 2.59 -14.82
N ASP B 156 9.04 1.35 -14.34
CA ASP B 156 10.02 0.80 -13.39
C ASP B 156 11.44 0.69 -13.97
N VAL B 157 11.55 0.17 -15.21
CA VAL B 157 12.80 0.10 -15.93
C VAL B 157 13.39 1.53 -15.96
N ASN B 158 12.63 2.53 -16.45
CA ASN B 158 13.07 3.94 -16.50
C ASN B 158 13.61 4.37 -15.12
N GLY B 159 12.84 4.11 -14.06
CA GLY B 159 13.19 4.69 -12.73
C GLY B 159 14.49 4.03 -12.25
N ILE B 160 14.61 2.71 -12.42
CA ILE B 160 15.82 2.04 -11.88
C ILE B 160 17.13 2.39 -12.69
N GLN B 161 17.00 2.38 -14.00
CA GLN B 161 18.10 2.82 -14.87
C GLN B 161 18.47 4.31 -14.76
N SER B 162 17.53 5.18 -14.34
CA SER B 162 17.88 6.59 -14.04
C SER B 162 18.86 6.69 -12.83
N LEU B 163 18.78 5.73 -11.92
CA LEU B 163 19.67 5.63 -10.80
C LEU B 163 20.98 4.91 -11.14
N TYR B 164 20.88 3.74 -11.76
CA TYR B 164 22.06 2.87 -11.85
C TYR B 164 22.65 2.65 -13.22
N GLY B 165 22.05 3.24 -14.26
CA GLY B 165 22.47 3.04 -15.66
C GLY B 165 22.13 1.68 -16.28
P PO4 C . -16.89 7.39 -14.72
O1 PO4 C . -16.42 8.76 -14.24
O2 PO4 C . -16.07 6.87 -15.89
O3 PO4 C . -16.83 6.29 -13.66
O4 PO4 C . -18.37 7.64 -15.09
P PO4 D . -7.16 6.08 -3.87
O1 PO4 D . -6.39 6.86 -2.77
O2 PO4 D . -6.37 5.65 -5.11
O3 PO4 D . -7.56 4.73 -3.21
O4 PO4 D . -8.19 7.09 -4.36
ZN ZN E . 5.98 1.15 -1.44
ZN ZN F . 9.37 -2.06 10.12
CA CA G . -0.89 -5.17 7.75
CA CA H . 20.51 -1.84 6.08
CA CA I . 1.70 -14.26 8.46
#